data_4PFR
#
_entry.id   4PFR
#
_cell.length_a   94.981
_cell.length_b   94.981
_cell.length_c   203.414
_cell.angle_alpha   90.000
_cell.angle_beta   90.000
_cell.angle_gamma   120.000
#
_symmetry.space_group_name_H-M   'P 31 2 1'
#
loop_
_entity.id
_entity.type
_entity.pdbx_description
1 polymer 'TRAP dicarboxylate transporter, DctP subunit'
2 non-polymer D-MALATE
3 water water
#
_entity_poly.entity_id   1
_entity_poly.type   'polypeptide(L)'
_entity_poly.pdbx_seq_one_letter_code
;(MSE)HHHHHHSSGVDLGTENLYFQS(MSE)QDYTIRLSHGDNESNPTHLTAVKFQELVKEYTEGKAEVQIFPSNSLGTE
TEVAQALR(MSE)GSIEAEILYTGNLVPLAPSAGVL(MSE)LPYAYTSTEQAHKA(MSE)DALIDPLNERLTKEAGVRAL
GL(MSE)EKGFRVLTTNKPVTTLEDLKGLKIRVSPNDIAIKTFRAWGIEPLP(MSE)DWAEVFPALQQRVIDGQENPYTT
AISSRFFEVQSDITEIHY(MSE)(MSE)WTGPLLISERAFQKYPEDIQQALLRAGREAVDYGRQVSAELTEQSKAELVKN
D(MSE)TLHGAPKDEEKWEAAAAALWPEFYDQIGGEEWATQAIEIIKATEK
;
_entity_poly.pdbx_strand_id   A,B
#
# COMPACT_ATOMS: atom_id res chain seq x y z
N ASP A 25 29.09 -23.61 18.58
CA ASP A 25 28.56 -24.84 18.01
C ASP A 25 27.60 -24.59 16.85
N TYR A 26 26.45 -23.98 17.15
CA TYR A 26 25.45 -23.64 16.14
C TYR A 26 25.19 -22.15 16.13
N THR A 27 25.09 -21.58 14.94
CA THR A 27 24.78 -20.16 14.82
C THR A 27 23.47 -19.88 14.10
N ILE A 28 22.59 -19.14 14.77
CA ILE A 28 21.28 -18.73 14.27
C ILE A 28 21.29 -17.24 13.87
N ARG A 29 21.24 -16.96 12.57
CA ARG A 29 21.06 -15.58 12.13
C ARG A 29 19.58 -15.27 12.16
N LEU A 30 19.21 -14.22 12.87
CA LEU A 30 17.83 -13.83 13.00
C LEU A 30 17.64 -12.45 12.41
N SER A 31 16.80 -12.35 11.37
CA SER A 31 16.51 -11.09 10.71
C SER A 31 15.22 -10.43 11.21
N HIS A 32 15.22 -9.10 11.30
CA HIS A 32 13.95 -8.40 11.41
C HIS A 32 14.08 -6.99 10.84
N GLY A 33 12.94 -6.34 10.63
CA GLY A 33 12.90 -5.09 9.88
C GLY A 33 12.74 -3.82 10.70
N ASP A 34 12.83 -3.94 12.02
CA ASP A 34 12.61 -2.79 12.90
C ASP A 34 13.91 -2.35 13.55
N ASN A 35 13.86 -1.22 14.25
CA ASN A 35 15.04 -0.74 15.00
C ASN A 35 15.16 -1.46 16.34
N GLU A 36 16.14 -1.08 17.14
CA GLU A 36 16.46 -1.89 18.31
C GLU A 36 15.59 -1.60 19.53
N SER A 37 14.82 -0.51 19.50
CA SER A 37 13.94 -0.20 20.63
C SER A 37 12.54 -0.79 20.46
N ASN A 38 12.31 -1.43 19.32
CA ASN A 38 11.01 -2.01 18.99
C ASN A 38 10.74 -3.27 19.80
N PRO A 39 9.46 -3.51 20.17
CA PRO A 39 9.24 -4.77 20.88
C PRO A 39 9.72 -5.96 20.04
N THR A 40 9.71 -5.83 18.71
CA THR A 40 10.23 -6.89 17.84
C THR A 40 11.67 -7.24 18.21
N HIS A 41 12.53 -6.22 18.23
CA HIS A 41 13.93 -6.42 18.59
C HIS A 41 14.09 -6.94 20.00
N LEU A 42 13.37 -6.33 20.95
CA LEU A 42 13.44 -6.74 22.34
C LEU A 42 13.07 -8.21 22.45
N THR A 43 12.05 -8.61 21.69
CA THR A 43 11.63 -10.00 21.58
C THR A 43 12.79 -10.83 21.08
N ALA A 44 13.45 -10.32 20.04
CA ALA A 44 14.61 -11.00 19.47
C ALA A 44 15.71 -11.23 20.52
N VAL A 45 16.11 -10.16 21.21
CA VAL A 45 17.10 -10.30 22.28
C VAL A 45 16.71 -11.36 23.32
N LYS A 46 15.45 -11.40 23.74
CA LYS A 46 15.01 -12.41 24.71
C LYS A 46 15.26 -13.81 24.17
N PHE A 47 14.88 -14.01 22.91
CA PHE A 47 15.08 -15.27 22.20
C PHE A 47 16.57 -15.59 22.14
N GLN A 48 17.38 -14.55 22.00
CA GLN A 48 18.82 -14.71 21.98
C GLN A 48 19.26 -15.24 23.32
N GLU A 49 19.03 -14.47 24.37
CA GLU A 49 19.47 -14.86 25.70
C GLU A 49 18.87 -16.19 26.13
N LEU A 50 17.61 -16.42 25.78
CA LEU A 50 16.97 -17.70 26.12
C LEU A 50 17.56 -18.90 25.35
N VAL A 51 17.95 -18.68 24.09
CA VAL A 51 18.56 -19.75 23.31
C VAL A 51 19.88 -20.18 23.95
N LYS A 52 20.71 -19.20 24.28
CA LYS A 52 22.00 -19.44 24.93
C LYS A 52 21.82 -20.30 26.17
N GLU A 53 20.73 -20.06 26.89
CA GLU A 53 20.45 -20.76 28.13
C GLU A 53 20.11 -22.23 27.92
N TYR A 54 19.01 -22.52 27.23
CA TYR A 54 18.53 -23.89 27.10
C TYR A 54 19.47 -24.83 26.33
N THR A 55 20.35 -24.26 25.52
CA THR A 55 21.35 -25.08 24.84
C THR A 55 22.69 -25.00 25.57
N GLU A 56 22.65 -24.52 26.81
CA GLU A 56 23.85 -24.36 27.63
C GLU A 56 24.85 -23.40 26.99
N GLY A 57 24.93 -23.43 25.67
CA GLY A 57 25.85 -22.59 24.93
C GLY A 57 26.14 -23.13 23.54
N LYS A 58 25.62 -24.32 23.26
CA LYS A 58 25.79 -24.96 21.96
C LYS A 58 25.13 -24.16 20.84
N ALA A 59 24.27 -23.20 21.20
CA ALA A 59 23.60 -22.38 20.20
C ALA A 59 23.69 -20.90 20.53
N GLU A 60 24.01 -20.10 19.51
CA GLU A 60 24.10 -18.65 19.64
C GLU A 60 23.21 -18.00 18.58
N VAL A 61 22.54 -16.91 18.95
CA VAL A 61 21.70 -16.19 18.01
C VAL A 61 22.37 -14.85 17.71
N GLN A 62 22.51 -14.53 16.43
CA GLN A 62 22.94 -13.20 16.02
C GLN A 62 21.78 -12.44 15.41
N ILE A 63 21.53 -11.23 15.91
CA ILE A 63 20.40 -10.46 15.39
C ILE A 63 20.85 -9.50 14.29
N PHE A 64 20.10 -9.48 13.19
CA PHE A 64 20.30 -8.50 12.14
C PHE A 64 19.03 -7.69 12.00
N PRO A 65 18.99 -6.54 12.68
CA PRO A 65 17.81 -5.68 12.75
C PRO A 65 17.74 -4.72 11.58
N SER A 66 16.62 -4.03 11.46
CA SER A 66 16.51 -2.89 10.54
C SER A 66 16.69 -3.24 9.08
N ASN A 67 16.29 -4.45 8.69
CA ASN A 67 16.35 -4.86 7.28
C ASN A 67 17.76 -4.97 6.72
N SER A 68 18.72 -5.23 7.59
CA SER A 68 20.12 -5.34 7.17
C SER A 68 20.34 -6.50 6.17
N LEU A 69 19.59 -7.58 6.34
CA LEU A 69 19.69 -8.75 5.47
C LEU A 69 18.69 -8.75 4.32
N GLY A 70 17.93 -7.65 4.16
CA GLY A 70 17.01 -7.50 3.05
C GLY A 70 15.58 -7.14 3.47
N THR A 71 14.61 -7.33 2.58
CA THR A 71 13.23 -7.07 2.97
C THR A 71 12.66 -8.28 3.71
N GLU A 72 11.57 -8.05 4.44
CA GLU A 72 10.99 -9.10 5.26
C GLU A 72 10.60 -10.28 4.38
N THR A 73 10.08 -10.02 3.20
CA THR A 73 9.73 -11.10 2.29
C THR A 73 10.95 -11.79 1.67
N GLU A 74 11.91 -10.99 1.22
CA GLU A 74 13.14 -11.56 0.65
C GLU A 74 13.75 -12.51 1.67
N VAL A 75 13.91 -12.04 2.90
CA VAL A 75 14.51 -12.82 3.96
C VAL A 75 13.71 -14.09 4.24
N ALA A 76 12.39 -14.00 4.13
CA ALA A 76 11.55 -15.17 4.28
C ALA A 76 11.96 -16.21 3.25
N GLN A 77 12.30 -15.76 2.06
CA GLN A 77 12.80 -16.69 1.04
C GLN A 77 14.14 -17.28 1.44
N ALA A 78 15.01 -16.45 2.02
CA ALA A 78 16.27 -16.94 2.55
C ALA A 78 16.10 -18.13 3.53
N LEU A 79 15.08 -18.05 4.38
CA LEU A 79 14.77 -19.13 5.30
C LEU A 79 14.35 -20.41 4.59
N ARG A 80 13.68 -20.26 3.44
CA ARG A 80 13.16 -21.44 2.73
C ARG A 80 14.31 -22.38 2.42
N GLY A 82 17.52 -22.07 3.59
CA GLY A 82 18.50 -22.23 4.65
C GLY A 82 19.55 -21.13 4.83
N SER A 83 19.62 -20.18 3.89
CA SER A 83 20.59 -19.08 3.96
C SER A 83 20.56 -18.41 5.34
N ILE A 84 19.36 -18.04 5.76
CA ILE A 84 19.16 -17.33 7.00
C ILE A 84 18.23 -18.18 7.84
N GLU A 85 18.55 -18.32 9.12
CA GLU A 85 17.86 -19.29 9.99
C GLU A 85 16.55 -18.79 10.56
N ALA A 86 16.50 -17.50 10.90
CA ALA A 86 15.33 -16.97 11.62
C ALA A 86 14.97 -15.53 11.25
N GLU A 87 13.70 -15.20 11.43
CA GLU A 87 13.27 -13.81 11.40
C GLU A 87 11.95 -13.59 12.13
N ILE A 88 11.75 -12.34 12.55
CA ILE A 88 10.45 -11.87 12.97
C ILE A 88 9.95 -10.95 11.87
N LEU A 89 8.74 -11.22 11.39
CA LEU A 89 8.17 -10.43 10.30
C LEU A 89 6.66 -10.33 10.41
N TYR A 90 6.13 -9.23 9.89
CA TYR A 90 4.70 -8.98 9.78
C TYR A 90 4.01 -10.04 8.93
N THR A 91 2.92 -10.60 9.47
CA THR A 91 2.15 -11.64 8.79
C THR A 91 1.86 -11.30 7.33
N GLY A 92 1.71 -10.00 7.03
CA GLY A 92 1.36 -9.58 5.68
C GLY A 92 2.49 -9.81 4.69
N ASN A 93 3.72 -9.84 5.20
CA ASN A 93 4.87 -10.03 4.34
C ASN A 93 5.19 -11.50 4.18
N LEU A 94 4.46 -12.35 4.91
CA LEU A 94 4.67 -13.79 4.84
C LEU A 94 3.66 -14.44 3.92
N VAL A 95 2.49 -13.82 3.85
CA VAL A 95 1.35 -14.35 3.11
C VAL A 95 1.68 -14.62 1.64
N PRO A 96 2.47 -13.74 1.03
CA PRO A 96 2.79 -13.99 -0.38
C PRO A 96 3.50 -15.32 -0.59
N LEU A 97 4.23 -15.78 0.42
CA LEU A 97 4.94 -17.04 0.35
C LEU A 97 4.11 -18.14 0.97
N ALA A 98 3.35 -17.77 2.01
CA ALA A 98 2.59 -18.73 2.80
C ALA A 98 1.19 -18.19 3.07
N PRO A 99 0.27 -18.42 2.13
CA PRO A 99 -1.11 -17.89 2.22
C PRO A 99 -1.84 -18.32 3.50
N SER A 100 -1.64 -19.55 3.91
CA SER A 100 -2.33 -20.06 5.08
C SER A 100 -2.14 -19.15 6.29
N ALA A 101 -1.07 -18.36 6.26
CA ALA A 101 -0.77 -17.46 7.37
C ALA A 101 -1.82 -16.35 7.42
N GLY A 102 -2.52 -16.17 6.30
CA GLY A 102 -3.49 -15.11 6.17
C GLY A 102 -4.68 -15.27 7.09
N VAL A 103 -4.86 -16.46 7.67
CA VAL A 103 -5.99 -16.63 8.58
C VAL A 103 -5.75 -15.80 9.83
N LEU A 104 -4.50 -15.43 10.06
CA LEU A 104 -4.17 -14.58 11.21
C LEU A 104 -4.71 -13.16 11.02
N LEU A 106 -7.99 -12.41 9.59
CA LEU A 106 -9.43 -12.33 9.41
C LEU A 106 -9.98 -11.16 10.25
N PRO A 107 -10.80 -10.30 9.62
CA PRO A 107 -11.27 -9.07 10.27
C PRO A 107 -12.22 -9.43 11.40
N TYR A 108 -12.04 -8.76 12.53
CA TYR A 108 -12.81 -9.03 13.74
C TYR A 108 -12.74 -10.46 14.29
N ALA A 109 -11.63 -11.16 14.06
CA ALA A 109 -11.49 -12.49 14.63
C ALA A 109 -11.30 -12.45 16.15
N TYR A 110 -10.68 -11.39 16.67
CA TYR A 110 -10.51 -11.26 18.13
C TYR A 110 -10.88 -9.86 18.59
N THR A 111 -11.22 -9.71 19.86
CA THR A 111 -11.68 -8.41 20.37
C THR A 111 -10.76 -7.88 21.47
N SER A 112 -9.73 -8.66 21.76
CA SER A 112 -8.79 -8.32 22.83
C SER A 112 -7.50 -9.13 22.64
N THR A 113 -6.39 -8.58 23.16
CA THR A 113 -5.09 -9.22 23.03
C THR A 113 -5.06 -10.60 23.69
N GLU A 114 -5.55 -10.66 24.91
CA GLU A 114 -5.65 -11.92 25.66
C GLU A 114 -6.40 -12.99 24.84
N GLN A 115 -7.53 -12.62 24.27
CA GLN A 115 -8.31 -13.53 23.45
C GLN A 115 -7.47 -13.95 22.23
N ALA A 116 -6.88 -12.96 21.58
CA ALA A 116 -6.02 -13.22 20.44
C ALA A 116 -4.88 -14.17 20.79
N HIS A 117 -4.21 -13.92 21.91
CA HIS A 117 -3.12 -14.81 22.31
C HIS A 117 -3.60 -16.25 22.34
N LYS A 118 -4.74 -16.46 22.98
CA LYS A 118 -5.25 -17.80 23.19
C LYS A 118 -5.60 -18.49 21.87
N ALA A 119 -6.23 -17.74 20.97
CA ALA A 119 -6.64 -18.26 19.66
C ALA A 119 -5.45 -18.60 18.75
N ASP A 121 -2.23 -19.23 19.68
CA ASP A 121 -1.39 -20.27 20.23
C ASP A 121 -2.03 -21.65 19.98
N ALA A 122 -3.35 -21.64 19.80
CA ALA A 122 -4.08 -22.84 19.39
C ALA A 122 -3.90 -23.13 17.91
N LEU A 123 -3.64 -22.09 17.12
CA LEU A 123 -3.41 -22.25 15.68
C LEU A 123 -2.01 -22.76 15.32
N ILE A 124 -1.03 -22.48 16.16
CA ILE A 124 0.39 -22.65 15.77
C ILE A 124 0.66 -23.99 15.10
N ASP A 125 0.39 -25.08 15.79
CA ASP A 125 0.67 -26.41 15.27
C ASP A 125 0.09 -26.68 13.86
N PRO A 126 -1.25 -26.68 13.73
CA PRO A 126 -1.87 -26.98 12.43
C PRO A 126 -1.47 -25.95 11.38
N LEU A 127 -1.32 -24.70 11.82
CA LEU A 127 -0.80 -23.64 10.97
C LEU A 127 0.60 -24.02 10.48
N ASN A 128 1.44 -24.49 11.40
CA ASN A 128 2.81 -24.86 11.02
C ASN A 128 2.84 -26.00 10.00
N GLU A 129 1.81 -26.84 10.03
CA GLU A 129 1.69 -27.91 9.04
C GLU A 129 1.57 -27.35 7.64
N ARG A 130 1.18 -26.08 7.53
CA ARG A 130 0.97 -25.48 6.23
C ARG A 130 2.11 -24.53 5.90
N LEU A 131 2.63 -23.86 6.92
CA LEU A 131 3.79 -22.98 6.75
C LEU A 131 4.98 -23.72 6.17
N THR A 132 5.15 -24.97 6.57
CA THR A 132 6.33 -25.71 6.12
C THR A 132 6.21 -26.18 4.68
N LYS A 133 5.02 -26.62 4.30
CA LYS A 133 4.78 -27.05 2.92
C LYS A 133 4.78 -25.88 1.95
N GLU A 134 4.35 -24.71 2.41
CA GLU A 134 4.19 -23.55 1.54
C GLU A 134 5.44 -22.69 1.43
N ALA A 135 6.29 -22.73 2.44
CA ALA A 135 7.37 -21.76 2.50
C ALA A 135 8.60 -22.25 3.26
N GLY A 136 8.64 -23.54 3.58
CA GLY A 136 9.74 -24.09 4.35
C GLY A 136 10.08 -23.30 5.60
N VAL A 137 9.07 -22.79 6.28
CA VAL A 137 9.26 -22.13 7.57
C VAL A 137 8.37 -22.76 8.64
N ARG A 138 8.76 -22.57 9.90
CA ARG A 138 7.97 -23.00 11.04
C ARG A 138 7.86 -21.86 12.03
N ALA A 139 6.67 -21.64 12.57
CA ALA A 139 6.51 -20.59 13.58
C ALA A 139 6.88 -21.12 14.95
N LEU A 140 7.78 -20.42 15.62
CA LEU A 140 8.17 -20.76 16.98
C LEU A 140 7.28 -20.05 17.97
N GLY A 141 6.54 -19.08 17.46
CA GLY A 141 5.70 -18.21 18.26
C GLY A 141 5.02 -17.20 17.35
N LEU A 142 3.79 -16.83 17.71
CA LEU A 142 3.05 -15.82 16.98
C LEU A 142 3.00 -14.53 17.80
N GLU A 144 2.24 -10.38 18.43
CA GLU A 144 1.27 -9.36 18.06
C GLU A 144 1.67 -8.06 18.71
N LYS A 145 1.42 -6.94 18.03
CA LYS A 145 1.86 -5.66 18.54
C LYS A 145 0.73 -4.62 18.57
N GLY A 146 -0.50 -5.09 18.86
CA GLY A 146 -1.62 -4.21 19.09
C GLY A 146 -2.58 -4.06 17.92
N PHE A 147 -3.76 -3.52 18.20
CA PHE A 147 -4.81 -3.35 17.20
C PHE A 147 -4.60 -2.10 16.37
N ARG A 148 -5.07 -2.14 15.12
CA ARG A 148 -5.12 -0.94 14.29
C ARG A 148 -6.37 -0.10 14.65
N VAL A 149 -6.16 0.84 15.56
CA VAL A 149 -7.21 1.70 16.08
C VAL A 149 -7.52 2.87 15.11
N LEU A 150 -8.74 3.39 15.18
CA LEU A 150 -9.22 4.45 14.29
C LEU A 150 -8.99 5.85 14.86
N THR A 151 -8.40 6.72 14.06
CA THR A 151 -8.15 8.10 14.47
C THR A 151 -8.95 8.97 13.53
N THR A 152 -9.42 10.09 14.07
CA THR A 152 -10.35 10.95 13.34
C THR A 152 -10.20 12.35 13.88
N ASN A 153 -10.82 13.29 13.19
CA ASN A 153 -10.76 14.68 13.59
C ASN A 153 -12.07 15.02 14.27
N LYS A 154 -12.85 13.97 14.55
CA LYS A 154 -14.13 14.05 15.26
C LYS A 154 -14.44 12.68 15.90
N PRO A 155 -15.27 12.67 16.95
CA PRO A 155 -15.65 11.41 17.60
C PRO A 155 -16.42 10.49 16.68
N VAL A 156 -16.07 9.20 16.74
CA VAL A 156 -16.77 8.14 16.02
C VAL A 156 -17.07 7.02 17.00
N THR A 157 -18.29 7.01 17.54
CA THR A 157 -18.65 6.04 18.55
C THR A 157 -19.69 4.99 18.06
N THR A 158 -20.25 5.24 16.88
CA THR A 158 -21.20 4.33 16.26
C THR A 158 -20.96 4.30 14.73
N LEU A 159 -21.33 3.20 14.10
CA LEU A 159 -21.22 3.08 12.64
C LEU A 159 -21.66 4.34 11.92
N GLU A 160 -22.77 4.94 12.38
CA GLU A 160 -23.32 6.11 11.72
C GLU A 160 -22.33 7.26 11.69
N ASP A 161 -21.49 7.37 12.73
CA ASP A 161 -20.46 8.42 12.76
C ASP A 161 -19.41 8.30 11.65
N LEU A 162 -19.28 7.12 11.05
CA LEU A 162 -18.36 6.90 9.93
C LEU A 162 -18.86 7.58 8.68
N LYS A 163 -20.17 7.77 8.58
CA LYS A 163 -20.72 8.31 7.32
C LYS A 163 -20.08 9.63 6.92
N GLY A 164 -19.65 9.70 5.65
CA GLY A 164 -19.11 10.91 5.08
C GLY A 164 -17.64 11.12 5.36
N LEU A 165 -17.07 10.24 6.18
CA LEU A 165 -15.66 10.33 6.52
C LEU A 165 -14.77 9.73 5.43
N LYS A 166 -13.67 10.41 5.13
CA LYS A 166 -12.65 9.84 4.27
C LYS A 166 -11.53 9.23 5.11
N ILE A 167 -11.55 7.90 5.23
CA ILE A 167 -10.55 7.17 6.00
C ILE A 167 -9.58 6.44 5.04
N ARG A 168 -8.28 6.68 5.18
CA ARG A 168 -7.30 5.95 4.39
C ARG A 168 -6.98 4.61 5.03
N VAL A 169 -6.93 3.58 4.21
CA VAL A 169 -6.42 2.29 4.63
C VAL A 169 -5.17 1.97 3.82
N SER A 170 -4.39 0.97 4.22
CA SER A 170 -3.35 0.52 3.31
C SER A 170 -4.01 -0.29 2.19
N PRO A 171 -3.34 -0.39 1.04
CA PRO A 171 -3.97 -0.99 -0.15
C PRO A 171 -4.18 -2.49 -0.06
N ASN A 172 -4.89 -2.97 0.95
CA ASN A 172 -5.21 -4.40 1.01
C ASN A 172 -6.72 -4.72 1.05
N ASP A 173 -7.04 -5.88 0.51
CA ASP A 173 -8.40 -6.32 0.31
C ASP A 173 -9.17 -6.36 1.64
N ILE A 174 -8.54 -6.87 2.69
CA ILE A 174 -9.22 -6.99 3.96
C ILE A 174 -9.55 -5.65 4.56
N ALA A 175 -8.59 -4.72 4.58
CA ALA A 175 -8.89 -3.39 5.08
C ALA A 175 -9.94 -2.76 4.17
N ILE A 176 -9.75 -2.87 2.87
CA ILE A 176 -10.64 -2.18 1.96
C ILE A 176 -12.07 -2.67 2.13
N LYS A 177 -12.26 -3.99 2.07
CA LYS A 177 -13.60 -4.58 2.15
C LYS A 177 -14.28 -4.41 3.51
N THR A 178 -13.49 -4.46 4.58
CA THR A 178 -14.04 -4.21 5.90
C THR A 178 -14.66 -2.82 5.98
N PHE A 179 -13.89 -1.78 5.72
CA PHE A 179 -14.45 -0.43 5.83
C PHE A 179 -15.70 -0.24 4.95
N ARG A 180 -15.66 -0.79 3.75
CA ARG A 180 -16.81 -0.81 2.86
C ARG A 180 -18.01 -1.50 3.55
N ALA A 181 -17.77 -2.66 4.15
CA ALA A 181 -18.83 -3.37 4.85
C ALA A 181 -19.47 -2.48 5.93
N TRP A 182 -18.72 -1.45 6.34
CA TRP A 182 -19.11 -0.54 7.41
C TRP A 182 -19.72 0.75 6.84
N GLY A 183 -19.92 0.81 5.53
CA GLY A 183 -20.69 1.91 4.95
C GLY A 183 -19.92 3.06 4.31
N ILE A 184 -18.60 2.91 4.24
CA ILE A 184 -17.77 3.93 3.60
C ILE A 184 -16.68 3.28 2.75
N GLU A 185 -16.41 3.86 1.57
CA GLU A 185 -15.28 3.42 0.76
C GLU A 185 -14.06 4.07 1.37
N PRO A 186 -13.12 3.24 1.85
CA PRO A 186 -11.89 3.81 2.40
C PRO A 186 -10.97 4.23 1.27
N LEU A 187 -10.01 5.10 1.59
CA LEU A 187 -9.02 5.57 0.63
C LEU A 187 -7.73 4.73 0.70
N PRO A 188 -7.56 3.79 -0.26
CA PRO A 188 -6.27 3.06 -0.32
C PRO A 188 -5.09 3.98 -0.66
N ASP A 190 -0.64 5.02 0.08
CA ASP A 190 0.66 4.60 0.59
C ASP A 190 0.96 5.25 1.92
N TRP A 191 1.59 4.49 2.80
CA TRP A 191 1.99 4.99 4.11
C TRP A 191 2.52 6.44 4.06
N ALA A 192 3.44 6.71 3.13
CA ALA A 192 4.13 8.00 3.10
C ALA A 192 3.20 9.19 2.85
N GLU A 193 2.04 8.93 2.26
CA GLU A 193 1.10 10.00 1.97
C GLU A 193 0.18 10.35 3.15
N VAL A 194 0.14 9.46 4.15
CA VAL A 194 -0.87 9.56 5.21
C VAL A 194 -0.77 10.84 6.04
N PHE A 195 0.41 11.13 6.57
CA PHE A 195 0.53 12.34 7.38
C PHE A 195 0.17 13.60 6.60
N PRO A 196 0.83 13.82 5.45
CA PRO A 196 0.56 15.02 4.64
C PRO A 196 -0.92 15.13 4.36
N ALA A 197 -1.52 14.00 3.99
CA ALA A 197 -2.94 13.98 3.70
C ALA A 197 -3.74 14.50 4.91
N LEU A 198 -3.40 14.01 6.11
CA LEU A 198 -4.00 14.55 7.33
C LEU A 198 -3.74 16.05 7.44
N GLN A 199 -2.48 16.43 7.51
CA GLN A 199 -2.11 17.83 7.65
C GLN A 199 -2.83 18.76 6.66
N GLN A 200 -2.87 18.36 5.39
CA GLN A 200 -3.60 19.13 4.40
C GLN A 200 -5.12 18.98 4.53
N ARG A 201 -5.58 18.13 5.44
CA ARG A 201 -7.02 17.96 5.68
C ARG A 201 -7.77 17.46 4.43
N VAL A 202 -7.13 16.59 3.64
CA VAL A 202 -7.72 16.09 2.39
C VAL A 202 -8.27 14.67 2.59
N ILE A 203 -7.92 14.08 3.74
CA ILE A 203 -8.57 12.89 4.28
C ILE A 203 -8.96 13.15 5.75
N ASP A 204 -9.83 12.31 6.32
CA ASP A 204 -10.40 12.58 7.64
C ASP A 204 -9.78 11.81 8.80
N GLY A 205 -9.26 10.62 8.51
CA GLY A 205 -8.62 9.79 9.53
C GLY A 205 -7.95 8.58 8.92
N GLN A 206 -7.41 7.73 9.78
CA GLN A 206 -6.70 6.54 9.35
C GLN A 206 -6.77 5.53 10.49
N GLU A 207 -6.21 4.35 10.26
CA GLU A 207 -6.23 3.32 11.28
C GLU A 207 -4.87 2.66 11.41
N ASN A 208 -4.29 2.73 12.60
CA ASN A 208 -3.02 2.08 12.90
C ASN A 208 -2.96 1.87 14.39
N PRO A 209 -1.85 1.31 14.89
CA PRO A 209 -1.78 1.06 16.33
C PRO A 209 -1.58 2.34 17.12
N TYR A 210 -1.79 2.30 18.42
CA TYR A 210 -1.59 3.49 19.23
C TYR A 210 -0.15 3.97 19.07
N THR A 211 0.77 3.03 19.08
CA THR A 211 2.19 3.36 18.93
C THR A 211 2.48 4.23 17.70
N THR A 212 1.83 3.93 16.58
CA THR A 212 2.06 4.70 15.36
C THR A 212 1.60 6.14 15.50
N ALA A 213 0.41 6.32 16.07
CA ALA A 213 -0.15 7.65 16.30
C ALA A 213 0.80 8.51 17.14
N ILE A 214 1.59 7.87 17.99
CA ILE A 214 2.65 8.60 18.69
C ILE A 214 3.85 8.86 17.76
N SER A 215 4.37 7.80 17.15
CA SER A 215 5.61 7.90 16.37
C SER A 215 5.44 8.86 15.20
N SER A 216 4.28 8.79 14.57
CA SER A 216 3.93 9.61 13.42
C SER A 216 3.36 10.95 13.85
N ARG A 217 3.27 11.15 15.16
CA ARG A 217 2.80 12.42 15.72
C ARG A 217 1.38 12.78 15.23
N PHE A 218 0.53 11.77 15.09
CA PHE A 218 -0.81 11.97 14.56
C PHE A 218 -1.70 12.87 15.42
N PHE A 219 -1.27 13.16 16.64
CA PHE A 219 -2.02 14.04 17.53
C PHE A 219 -1.99 15.52 17.10
N GLU A 220 -1.06 15.87 16.21
CA GLU A 220 -1.02 17.22 15.65
C GLU A 220 -2.11 17.42 14.61
N VAL A 221 -2.69 16.32 14.14
CA VAL A 221 -3.61 16.41 13.01
C VAL A 221 -4.85 15.55 13.19
N GLN A 222 -5.00 14.97 14.38
CA GLN A 222 -6.17 14.15 14.72
C GLN A 222 -6.59 14.43 16.16
N SER A 223 -7.88 14.26 16.45
CA SER A 223 -8.45 14.61 17.74
C SER A 223 -8.99 13.41 18.53
N ASP A 224 -9.49 12.40 17.82
CA ASP A 224 -10.17 11.27 18.47
C ASP A 224 -9.62 9.90 18.10
N ILE A 225 -9.81 8.95 19.01
CA ILE A 225 -9.44 7.56 18.74
C ILE A 225 -10.53 6.62 19.21
N THR A 226 -10.96 5.74 18.31
CA THR A 226 -11.91 4.68 18.66
C THR A 226 -11.27 3.31 18.44
N GLU A 227 -11.31 2.48 19.48
CA GLU A 227 -10.64 1.20 19.48
C GLU A 227 -11.45 0.12 18.78
N ILE A 228 -11.56 0.20 17.46
CA ILE A 228 -12.07 -0.92 16.68
C ILE A 228 -11.12 -2.12 16.80
N HIS A 229 -11.62 -3.33 16.56
CA HIS A 229 -10.81 -4.54 16.72
C HIS A 229 -10.92 -5.45 15.50
N TYR A 230 -10.85 -4.88 14.31
CA TYR A 230 -10.90 -5.70 13.09
C TYR A 230 -9.53 -6.28 12.74
N TRP A 233 -1.62 -6.04 14.42
CA TRP A 233 -0.33 -6.38 13.82
C TRP A 233 0.04 -7.74 14.37
N THR A 234 0.16 -8.74 13.50
CA THR A 234 0.66 -10.05 13.91
C THR A 234 1.89 -10.41 13.09
N GLY A 235 2.76 -11.24 13.67
CA GLY A 235 3.93 -11.70 12.96
C GLY A 235 4.59 -12.89 13.63
N PRO A 236 4.87 -13.93 12.85
CA PRO A 236 5.55 -15.10 13.40
C PRO A 236 7.02 -14.83 13.74
N LEU A 237 7.52 -15.56 14.73
CA LEU A 237 8.94 -15.72 14.91
C LEU A 237 9.21 -17.03 14.20
N LEU A 238 9.85 -16.95 13.03
CA LEU A 238 10.03 -18.12 12.19
C LEU A 238 11.42 -18.71 12.33
N ILE A 239 11.48 -20.04 12.25
CA ILE A 239 12.75 -20.72 12.05
C ILE A 239 12.67 -21.35 10.67
N SER A 240 13.82 -21.46 10.02
CA SER A 240 13.94 -22.18 8.77
C SER A 240 13.69 -23.64 9.06
N GLU A 241 12.91 -24.31 8.20
CA GLU A 241 12.60 -25.72 8.45
C GLU A 241 13.80 -26.66 8.16
N ARG A 242 14.72 -26.23 7.29
CA ARG A 242 15.95 -26.99 7.04
C ARG A 242 16.86 -26.90 8.24
N ALA A 243 17.18 -25.67 8.64
CA ALA A 243 18.07 -25.46 9.77
C ALA A 243 17.52 -26.20 10.97
N PHE A 244 16.20 -26.15 11.14
CA PHE A 244 15.54 -26.77 12.27
C PHE A 244 15.77 -28.28 12.29
N GLN A 245 15.50 -28.92 11.16
CA GLN A 245 15.64 -30.37 11.03
C GLN A 245 17.09 -30.85 11.19
N LYS A 246 18.02 -30.11 10.60
CA LYS A 246 19.44 -30.38 10.77
C LYS A 246 19.83 -30.51 12.25
N TYR A 247 19.09 -29.85 13.13
CA TYR A 247 19.49 -29.82 14.54
C TYR A 247 19.17 -31.11 15.28
N PRO A 248 19.96 -31.38 16.34
CA PRO A 248 19.74 -32.48 17.28
C PRO A 248 18.53 -32.14 18.12
N GLU A 249 17.69 -33.13 18.43
CA GLU A 249 16.45 -32.88 19.16
C GLU A 249 16.67 -32.05 20.41
N ASP A 250 17.89 -32.09 20.94
CA ASP A 250 18.25 -31.29 22.12
C ASP A 250 18.20 -29.81 21.78
N ILE A 251 18.66 -29.50 20.56
CA ILE A 251 18.69 -28.14 20.07
C ILE A 251 17.29 -27.68 19.68
N GLN A 252 16.55 -28.55 18.98
CA GLN A 252 15.20 -28.26 18.55
C GLN A 252 14.28 -27.91 19.71
N GLN A 253 14.18 -28.80 20.69
CA GLN A 253 13.29 -28.60 21.82
C GLN A 253 13.64 -27.33 22.61
N ALA A 254 14.89 -26.87 22.51
CA ALA A 254 15.31 -25.67 23.21
C ALA A 254 14.87 -24.40 22.47
N LEU A 255 15.02 -24.42 21.14
CA LEU A 255 14.55 -23.34 20.29
C LEU A 255 13.01 -23.21 20.36
N LEU A 256 12.32 -24.35 20.38
CA LEU A 256 10.86 -24.38 20.52
C LEU A 256 10.42 -23.68 21.80
N ARG A 257 11.21 -23.86 22.86
CA ARG A 257 10.87 -23.29 24.15
C ARG A 257 11.26 -21.82 24.23
N ALA A 258 12.50 -21.50 23.85
CA ALA A 258 12.97 -20.13 23.87
C ALA A 258 12.04 -19.21 23.07
N GLY A 259 11.51 -19.74 21.97
CA GLY A 259 10.65 -18.98 21.08
C GLY A 259 9.31 -18.64 21.69
N ARG A 260 8.63 -19.64 22.24
CA ARG A 260 7.34 -19.40 22.85
C ARG A 260 7.48 -18.40 23.99
N GLU A 261 8.59 -18.48 24.73
CA GLU A 261 8.81 -17.61 25.88
C GLU A 261 9.23 -16.21 25.44
N ALA A 262 9.99 -16.14 24.37
CA ALA A 262 10.45 -14.85 23.89
C ALA A 262 9.25 -14.07 23.36
N VAL A 263 8.31 -14.78 22.76
CA VAL A 263 7.07 -14.15 22.28
C VAL A 263 6.11 -13.79 23.41
N ASP A 264 5.89 -14.69 24.35
CA ASP A 264 5.05 -14.37 25.49
C ASP A 264 5.58 -13.08 26.11
N TYR A 265 6.90 -13.04 26.28
CA TYR A 265 7.60 -11.87 26.80
C TYR A 265 7.42 -10.63 25.92
N GLY A 266 7.55 -10.79 24.59
CA GLY A 266 7.43 -9.67 23.68
C GLY A 266 6.01 -9.16 23.65
N ARG A 267 5.06 -10.09 23.65
CA ARG A 267 3.64 -9.74 23.76
C ARG A 267 3.43 -8.83 24.95
N GLN A 268 4.13 -9.11 26.05
CA GLN A 268 3.95 -8.31 27.27
C GLN A 268 4.67 -6.97 27.15
N VAL A 269 5.81 -6.96 26.46
CA VAL A 269 6.53 -5.73 26.17
C VAL A 269 5.64 -4.79 25.37
N SER A 270 4.99 -5.32 24.32
CA SER A 270 4.10 -4.53 23.48
C SER A 270 2.95 -3.92 24.29
N ALA A 271 2.24 -4.76 25.06
CA ALA A 271 1.15 -4.28 25.91
C ALA A 271 1.56 -3.04 26.70
N GLU A 272 2.72 -3.13 27.37
CA GLU A 272 3.20 -2.03 28.20
C GLU A 272 3.44 -0.77 27.38
N LEU A 273 4.12 -0.93 26.25
CA LEU A 273 4.39 0.20 25.38
C LEU A 273 3.09 0.82 24.90
N THR A 274 2.05 0.00 24.81
CA THR A 274 0.74 0.49 24.37
C THR A 274 0.04 1.31 25.45
N GLU A 275 0.07 0.85 26.70
CA GLU A 275 -0.54 1.63 27.77
C GLU A 275 0.17 2.97 27.86
N GLN A 276 1.47 2.93 27.60
CA GLN A 276 2.29 4.13 27.67
C GLN A 276 1.94 5.08 26.53
N SER A 277 1.89 4.56 25.31
CA SER A 277 1.45 5.35 24.17
C SER A 277 0.10 6.00 24.43
N LYS A 278 -0.84 5.24 24.98
CA LYS A 278 -2.18 5.76 25.23
C LYS A 278 -2.13 6.97 26.15
N ALA A 279 -1.49 6.78 27.30
CA ALA A 279 -1.40 7.81 28.33
C ALA A 279 -0.79 9.09 27.77
N GLU A 280 -0.09 8.98 26.65
CA GLU A 280 0.68 10.10 26.14
C GLU A 280 -0.13 10.81 25.07
N LEU A 281 -0.84 10.03 24.26
CA LEU A 281 -1.74 10.59 23.27
C LEU A 281 -2.77 11.46 23.98
N VAL A 282 -3.16 11.05 25.19
CA VAL A 282 -4.12 11.81 25.97
C VAL A 282 -3.48 13.08 26.49
N LYS A 283 -2.21 12.99 26.90
CA LYS A 283 -1.48 14.17 27.34
C LYS A 283 -1.37 15.15 26.18
N ASN A 284 -1.50 14.63 24.96
CA ASN A 284 -1.45 15.47 23.78
C ASN A 284 -2.84 15.76 23.21
N ASP A 285 -3.82 15.76 24.12
CA ASP A 285 -5.18 16.26 23.89
C ASP A 285 -6.10 15.43 22.99
N THR A 287 -8.75 12.32 22.46
CA THR A 287 -9.77 11.67 23.26
C THR A 287 -9.83 10.19 22.88
N LEU A 288 -9.72 9.32 23.89
CA LEU A 288 -9.74 7.88 23.65
C LEU A 288 -11.09 7.29 24.07
N HIS A 289 -11.95 7.04 23.08
CA HIS A 289 -13.31 6.56 23.32
C HIS A 289 -13.45 5.06 23.58
N GLY A 290 -12.35 4.33 23.68
CA GLY A 290 -12.46 2.89 23.80
C GLY A 290 -13.18 2.29 22.61
N ALA A 291 -13.82 1.14 22.81
CA ALA A 291 -14.58 0.47 21.74
C ALA A 291 -15.79 1.28 21.28
N PRO A 292 -16.31 0.95 20.09
CA PRO A 292 -17.54 1.59 19.59
C PRO A 292 -18.74 1.17 20.44
N LYS A 293 -19.66 2.08 20.73
CA LYS A 293 -20.83 1.74 21.54
C LYS A 293 -21.62 0.57 20.91
N ASP A 294 -21.77 0.60 19.60
CA ASP A 294 -22.42 -0.47 18.84
C ASP A 294 -21.42 -1.48 18.22
N GLU A 295 -20.38 -1.88 18.97
CA GLU A 295 -19.34 -2.70 18.40
C GLU A 295 -19.84 -3.97 17.70
N GLU A 296 -20.97 -4.51 18.17
CA GLU A 296 -21.39 -5.81 17.68
C GLU A 296 -21.84 -5.67 16.24
N LYS A 297 -22.06 -4.43 15.84
CA LYS A 297 -22.45 -4.11 14.47
C LYS A 297 -21.26 -4.13 13.55
N TRP A 298 -20.16 -3.51 13.98
CA TRP A 298 -18.89 -3.57 13.26
C TRP A 298 -18.44 -5.03 13.09
N GLU A 299 -18.39 -5.76 14.21
CA GLU A 299 -18.02 -7.17 14.19
C GLU A 299 -18.86 -7.96 13.21
N ALA A 300 -20.17 -7.77 13.28
CA ALA A 300 -21.08 -8.54 12.43
C ALA A 300 -20.82 -8.26 10.96
N ALA A 301 -20.69 -6.98 10.60
CA ALA A 301 -20.45 -6.61 9.22
C ALA A 301 -19.13 -7.22 8.72
N ALA A 302 -18.11 -7.23 9.56
CA ALA A 302 -16.77 -7.69 9.18
C ALA A 302 -16.71 -9.19 9.04
N ALA A 303 -17.31 -9.87 10.01
CA ALA A 303 -17.30 -11.33 10.09
C ALA A 303 -18.01 -12.02 8.91
N ALA A 304 -19.01 -11.33 8.34
CA ALA A 304 -19.77 -11.89 7.23
C ALA A 304 -18.95 -11.89 5.94
N LEU A 305 -17.86 -11.15 5.95
CA LEU A 305 -16.98 -11.07 4.80
C LEU A 305 -16.09 -12.32 4.68
N TRP A 306 -15.98 -13.10 5.76
CA TRP A 306 -14.90 -14.08 5.85
C TRP A 306 -14.75 -15.04 4.66
N PRO A 307 -15.85 -15.69 4.26
CA PRO A 307 -15.79 -16.62 3.12
C PRO A 307 -15.21 -15.96 1.86
N GLU A 308 -15.25 -14.62 1.80
CA GLU A 308 -14.71 -13.86 0.66
C GLU A 308 -13.17 -13.79 0.67
N PHE A 309 -12.54 -14.31 1.72
CA PHE A 309 -11.10 -14.20 1.90
C PHE A 309 -10.46 -15.59 1.81
N TYR A 310 -11.28 -16.64 1.95
CA TYR A 310 -10.77 -18.01 1.97
C TYR A 310 -9.69 -18.33 0.93
N ASP A 311 -9.86 -17.86 -0.30
CA ASP A 311 -8.91 -18.22 -1.37
C ASP A 311 -7.56 -17.55 -1.24
N GLN A 312 -7.52 -16.36 -0.69
CA GLN A 312 -6.25 -15.68 -0.51
C GLN A 312 -5.54 -16.08 0.78
N ILE A 313 -6.15 -16.95 1.57
CA ILE A 313 -5.56 -17.30 2.85
C ILE A 313 -5.40 -18.81 3.04
N GLY A 314 -5.22 -19.52 1.93
CA GLY A 314 -4.88 -20.94 2.00
C GLY A 314 -5.97 -21.91 1.64
N GLY A 315 -7.15 -21.41 1.24
CA GLY A 315 -8.28 -22.26 0.89
C GLY A 315 -9.36 -22.48 1.96
N GLU A 316 -10.58 -22.81 1.51
CA GLU A 316 -11.73 -22.95 2.41
C GLU A 316 -11.57 -24.08 3.41
N GLU A 317 -10.82 -25.11 3.05
CA GLU A 317 -10.63 -26.20 4.00
C GLU A 317 -9.83 -25.69 5.18
N TRP A 318 -8.70 -25.06 4.90
CA TRP A 318 -7.85 -24.56 5.97
C TRP A 318 -8.47 -23.37 6.70
N ALA A 319 -8.97 -22.40 5.92
CA ALA A 319 -9.63 -21.22 6.49
C ALA A 319 -10.64 -21.64 7.53
N THR A 320 -11.58 -22.50 7.14
CA THR A 320 -12.64 -22.94 8.06
C THR A 320 -12.11 -23.68 9.29
N GLN A 321 -11.14 -24.59 9.08
CA GLN A 321 -10.54 -25.25 10.23
C GLN A 321 -10.00 -24.19 11.17
N ALA A 322 -9.24 -23.27 10.58
CA ALA A 322 -8.67 -22.17 11.34
C ALA A 322 -9.76 -21.45 12.13
N ILE A 323 -10.83 -21.08 11.44
CA ILE A 323 -11.97 -20.43 12.08
C ILE A 323 -12.57 -21.31 13.18
N GLU A 324 -12.73 -22.60 12.91
CA GLU A 324 -13.25 -23.52 13.91
C GLU A 324 -12.40 -23.46 15.17
N ILE A 325 -11.08 -23.47 15.01
CA ILE A 325 -10.17 -23.44 16.16
C ILE A 325 -10.25 -22.12 16.93
N ILE A 326 -10.05 -21.02 16.21
CA ILE A 326 -10.17 -19.71 16.84
C ILE A 326 -11.44 -19.58 17.69
N LYS A 327 -12.61 -19.84 17.10
CA LYS A 327 -13.85 -19.60 17.83
C LYS A 327 -13.98 -20.52 19.03
N ALA A 328 -13.48 -21.75 18.92
CA ALA A 328 -13.58 -22.68 20.03
C ALA A 328 -12.87 -22.13 21.26
N THR A 329 -11.65 -21.61 21.07
CA THR A 329 -10.92 -20.99 22.16
C THR A 329 -11.68 -19.81 22.76
N GLU A 330 -12.59 -19.24 21.97
CA GLU A 330 -13.32 -18.04 22.40
C GLU A 330 -14.67 -18.41 23.00
N ILE B 84 -11.33 -2.49 -39.09
CA ILE B 84 -9.94 -2.17 -38.72
C ILE B 84 -9.46 -3.14 -37.64
N GLU B 85 -8.18 -3.50 -37.68
CA GLU B 85 -7.65 -4.55 -36.80
C GLU B 85 -6.96 -4.08 -35.51
N ALA B 86 -5.82 -3.42 -35.64
CA ALA B 86 -5.01 -3.04 -34.48
C ALA B 86 -4.93 -1.52 -34.31
N GLU B 87 -4.97 -1.05 -33.06
CA GLU B 87 -4.92 0.39 -32.80
C GLU B 87 -3.87 0.72 -31.74
N ILE B 88 -3.37 1.96 -31.77
CA ILE B 88 -2.63 2.51 -30.64
C ILE B 88 -3.35 3.77 -30.15
N LEU B 89 -3.81 3.74 -28.89
CA LEU B 89 -4.67 4.79 -28.37
C LEU B 89 -4.11 5.42 -27.13
N TYR B 90 -4.28 6.72 -27.01
CA TYR B 90 -4.17 7.32 -25.69
C TYR B 90 -5.31 6.74 -24.85
N THR B 91 -4.95 6.14 -23.70
CA THR B 91 -5.94 5.55 -22.81
C THR B 91 -7.19 6.43 -22.72
N GLY B 92 -6.98 7.72 -22.44
CA GLY B 92 -8.06 8.69 -22.31
C GLY B 92 -9.09 8.63 -23.43
N ASN B 93 -8.66 8.18 -24.60
CA ASN B 93 -9.55 8.02 -25.74
C ASN B 93 -10.09 6.60 -25.87
N LEU B 94 -9.79 5.76 -24.89
CA LEU B 94 -10.34 4.40 -24.84
C LEU B 94 -11.38 4.23 -23.71
N VAL B 95 -11.15 4.89 -22.58
CA VAL B 95 -12.05 4.77 -21.40
C VAL B 95 -13.54 5.10 -21.66
N PRO B 96 -13.83 5.90 -22.70
CA PRO B 96 -15.25 6.08 -23.07
C PRO B 96 -15.82 4.81 -23.66
N LEU B 97 -14.98 3.97 -24.26
CA LEU B 97 -15.44 2.68 -24.80
C LEU B 97 -15.17 1.51 -23.87
N ALA B 98 -14.12 1.61 -23.07
CA ALA B 98 -13.85 0.57 -22.07
C ALA B 98 -13.29 1.25 -20.83
N PRO B 99 -14.15 1.47 -19.84
CA PRO B 99 -13.77 2.27 -18.66
C PRO B 99 -12.67 1.58 -17.88
N SER B 100 -12.66 0.26 -17.91
CA SER B 100 -11.78 -0.48 -17.03
C SER B 100 -10.32 -0.07 -17.23
N ALA B 101 -10.00 0.42 -18.42
CA ALA B 101 -8.64 0.87 -18.74
C ALA B 101 -8.19 2.07 -17.93
N GLY B 102 -9.15 2.77 -17.30
CA GLY B 102 -8.86 3.99 -16.58
C GLY B 102 -8.04 3.80 -15.32
N VAL B 103 -7.97 2.56 -14.84
CA VAL B 103 -7.10 2.27 -13.70
C VAL B 103 -5.67 2.65 -14.06
N LEU B 104 -5.37 2.68 -15.36
CA LEU B 104 -4.07 3.14 -15.83
C LEU B 104 -3.88 4.64 -15.64
N LEU B 106 -4.98 6.35 -12.81
CA LEU B 106 -5.09 6.77 -11.42
C LEU B 106 -3.96 7.74 -11.08
N PRO B 107 -4.34 8.95 -10.66
CA PRO B 107 -3.34 9.96 -10.30
C PRO B 107 -2.34 9.43 -9.28
N TYR B 108 -1.05 9.53 -9.58
CA TYR B 108 0.03 9.09 -8.69
C TYR B 108 0.12 7.62 -8.36
N ALA B 109 -0.53 6.77 -9.17
CA ALA B 109 -0.41 5.33 -8.96
C ALA B 109 0.91 4.84 -9.56
N TYR B 110 1.37 5.54 -10.60
CA TYR B 110 2.57 5.16 -11.33
C TYR B 110 3.65 6.18 -11.04
N THR B 111 4.64 5.76 -10.25
CA THR B 111 5.58 6.65 -9.60
C THR B 111 6.85 6.98 -10.41
N SER B 112 7.37 5.97 -11.13
CA SER B 112 8.54 6.11 -11.98
C SER B 112 8.34 5.27 -13.24
N THR B 113 9.02 5.64 -14.30
CA THR B 113 8.93 4.87 -15.54
C THR B 113 9.23 3.39 -15.31
N GLU B 114 10.03 3.09 -14.29
CA GLU B 114 10.32 1.69 -13.96
C GLU B 114 9.16 1.06 -13.18
N GLN B 115 8.74 1.75 -12.11
CA GLN B 115 7.61 1.31 -11.30
C GLN B 115 6.38 1.03 -12.15
N ALA B 116 6.14 1.90 -13.12
CA ALA B 116 4.98 1.78 -14.01
C ALA B 116 5.01 0.51 -14.84
N HIS B 117 6.14 0.24 -15.47
CA HIS B 117 6.26 -0.93 -16.35
C HIS B 117 5.85 -2.19 -15.59
N LYS B 118 6.45 -2.35 -14.42
CA LYS B 118 6.16 -3.50 -13.58
C LYS B 118 4.68 -3.51 -13.20
N ALA B 119 4.17 -2.40 -12.67
CA ALA B 119 2.75 -2.36 -12.35
C ALA B 119 1.92 -2.72 -13.57
N ASP B 121 2.48 -4.21 -16.34
CA ASP B 121 2.63 -5.57 -16.88
C ASP B 121 1.85 -6.58 -16.03
N ALA B 122 1.65 -6.24 -14.76
CA ALA B 122 0.90 -7.07 -13.82
C ALA B 122 -0.59 -6.99 -14.08
N LEU B 123 -1.02 -5.88 -14.67
CA LEU B 123 -2.43 -5.63 -14.86
C LEU B 123 -2.90 -6.23 -16.17
N ILE B 124 -1.99 -6.34 -17.15
CA ILE B 124 -2.34 -6.75 -18.52
C ILE B 124 -3.44 -7.81 -18.56
N ASP B 125 -3.19 -8.92 -17.88
CA ASP B 125 -4.11 -10.04 -17.98
C ASP B 125 -5.51 -9.77 -17.41
N PRO B 126 -5.60 -9.57 -16.09
CA PRO B 126 -6.95 -9.35 -15.53
C PRO B 126 -7.66 -8.19 -16.23
N LEU B 127 -6.89 -7.25 -16.78
CA LEU B 127 -7.42 -6.10 -17.54
C LEU B 127 -8.05 -6.51 -18.87
N ASN B 128 -7.35 -7.36 -19.63
CA ASN B 128 -7.84 -7.82 -20.91
C ASN B 128 -9.21 -8.54 -20.82
N GLU B 129 -9.45 -9.19 -19.69
CA GLU B 129 -10.73 -9.85 -19.47
C GLU B 129 -11.87 -8.83 -19.46
N ARG B 130 -11.56 -7.62 -18.96
CA ARG B 130 -12.54 -6.54 -18.91
C ARG B 130 -12.67 -5.80 -20.25
N LEU B 131 -11.53 -5.68 -20.96
CA LEU B 131 -11.46 -4.97 -22.24
C LEU B 131 -12.25 -5.67 -23.34
N THR B 132 -12.20 -7.00 -23.34
CA THR B 132 -13.04 -7.78 -24.24
C THR B 132 -14.50 -7.44 -23.99
N LYS B 133 -15.05 -7.88 -22.87
CA LYS B 133 -16.47 -7.68 -22.59
C LYS B 133 -16.92 -6.24 -22.86
N GLU B 134 -16.08 -5.26 -22.53
CA GLU B 134 -16.46 -3.85 -22.59
C GLU B 134 -16.44 -3.24 -24.00
N ALA B 135 -15.40 -3.56 -24.76
CA ALA B 135 -15.17 -2.92 -26.06
C ALA B 135 -14.57 -3.89 -27.09
N GLY B 136 -14.36 -5.15 -26.69
CA GLY B 136 -13.89 -6.18 -27.61
C GLY B 136 -12.54 -5.87 -28.24
N VAL B 137 -11.54 -5.65 -27.40
CA VAL B 137 -10.18 -5.41 -27.87
C VAL B 137 -9.18 -6.04 -26.90
N ARG B 138 -8.06 -6.53 -27.43
CA ARG B 138 -7.04 -7.14 -26.58
C ARG B 138 -5.80 -6.25 -26.48
N ALA B 139 -5.07 -6.38 -25.38
CA ALA B 139 -3.83 -5.65 -25.20
C ALA B 139 -2.61 -6.54 -25.43
N LEU B 140 -1.74 -6.13 -26.35
CA LEU B 140 -0.52 -6.84 -26.65
C LEU B 140 0.58 -6.40 -25.69
N GLY B 141 0.67 -5.08 -25.53
CA GLY B 141 1.51 -4.47 -24.52
C GLY B 141 0.81 -3.23 -23.99
N LEU B 142 1.41 -2.59 -22.99
CA LEU B 142 0.91 -1.32 -22.52
C LEU B 142 1.99 -0.27 -22.64
N GLU B 144 3.78 3.43 -22.59
CA GLU B 144 3.74 4.72 -21.90
C GLU B 144 4.71 5.64 -22.61
N LYS B 145 4.41 6.94 -22.62
CA LYS B 145 5.40 7.90 -23.11
C LYS B 145 5.68 9.05 -22.16
N GLY B 146 5.61 8.77 -20.86
CA GLY B 146 6.16 9.69 -19.89
C GLY B 146 5.12 10.40 -19.06
N PHE B 147 5.60 11.09 -18.04
CA PHE B 147 4.76 11.89 -17.20
C PHE B 147 4.09 13.02 -17.97
N ARG B 148 2.84 13.31 -17.67
CA ARG B 148 2.25 14.48 -18.29
C ARG B 148 2.70 15.70 -17.48
N VAL B 149 3.81 16.30 -17.91
CA VAL B 149 4.42 17.44 -17.21
C VAL B 149 3.66 18.75 -17.45
N LEU B 150 3.75 19.70 -16.52
CA LEU B 150 2.99 20.94 -16.59
C LEU B 150 3.74 22.07 -17.28
N THR B 151 3.14 22.63 -18.33
CA THR B 151 3.74 23.80 -18.98
C THR B 151 2.92 25.03 -18.70
N THR B 152 3.61 26.11 -18.39
CA THR B 152 2.98 27.37 -18.09
C THR B 152 3.77 28.53 -18.69
N ASN B 153 3.18 29.71 -18.63
CA ASN B 153 3.82 30.94 -19.05
C ASN B 153 4.37 31.64 -17.81
N LYS B 154 4.78 30.87 -16.81
CA LYS B 154 5.20 31.39 -15.50
C LYS B 154 5.65 30.25 -14.59
N PRO B 155 6.72 30.48 -13.82
CA PRO B 155 7.22 29.38 -12.99
C PRO B 155 6.16 28.89 -12.01
N VAL B 156 6.09 27.56 -11.81
CA VAL B 156 5.18 26.94 -10.83
C VAL B 156 5.96 25.90 -10.01
N THR B 157 6.37 26.26 -8.80
CA THR B 157 7.24 25.40 -8.00
C THR B 157 6.61 25.01 -6.67
N THR B 158 5.43 25.59 -6.40
CA THR B 158 4.57 25.18 -5.30
C THR B 158 3.11 25.39 -5.72
N LEU B 159 2.18 24.76 -4.98
CA LEU B 159 0.74 24.83 -5.28
C LEU B 159 0.22 26.26 -5.49
N GLU B 160 0.51 27.15 -4.55
CA GLU B 160 0.09 28.56 -4.61
C GLU B 160 0.43 29.23 -5.93
N ASP B 161 1.42 28.68 -6.63
CA ASP B 161 1.79 29.21 -7.93
C ASP B 161 0.69 28.94 -8.96
N LEU B 162 -0.11 27.88 -8.74
CA LEU B 162 -1.23 27.56 -9.62
C LEU B 162 -2.30 28.62 -9.53
N LYS B 163 -2.44 29.22 -8.36
CA LYS B 163 -3.54 30.14 -8.15
C LYS B 163 -3.58 31.17 -9.25
N GLY B 164 -4.76 31.32 -9.88
CA GLY B 164 -4.99 32.32 -10.90
C GLY B 164 -4.66 31.83 -12.30
N LEU B 165 -4.08 30.63 -12.39
CA LEU B 165 -3.70 30.07 -13.68
C LEU B 165 -4.90 29.41 -14.35
N LYS B 166 -4.96 29.57 -15.67
CA LYS B 166 -5.93 28.83 -16.46
C LYS B 166 -5.20 27.70 -17.16
N ILE B 167 -5.34 26.51 -16.62
CA ILE B 167 -4.67 25.32 -17.12
C ILE B 167 -5.64 24.43 -17.88
N ARG B 168 -5.29 24.08 -19.11
CA ARG B 168 -6.17 23.24 -19.91
C ARG B 168 -5.95 21.77 -19.58
N VAL B 169 -7.00 20.95 -19.70
CA VAL B 169 -6.85 19.51 -19.56
C VAL B 169 -7.76 18.79 -20.55
N SER B 170 -7.49 17.51 -20.81
CA SER B 170 -8.46 16.71 -21.54
C SER B 170 -9.78 16.75 -20.81
N PRO B 171 -10.88 16.60 -21.54
CA PRO B 171 -12.22 16.51 -20.96
C PRO B 171 -12.38 15.15 -20.25
N ASN B 172 -11.54 14.96 -19.24
CA ASN B 172 -11.48 13.71 -18.50
C ASN B 172 -11.66 13.97 -17.01
N ASP B 173 -12.54 13.23 -16.36
CA ASP B 173 -12.88 13.52 -14.99
C ASP B 173 -11.70 13.53 -14.04
N ILE B 174 -10.77 12.60 -14.26
CA ILE B 174 -9.60 12.49 -13.39
C ILE B 174 -8.74 13.76 -13.48
N ALA B 175 -8.49 14.23 -14.69
CA ALA B 175 -7.65 15.42 -14.86
C ALA B 175 -8.36 16.59 -14.22
N ILE B 176 -9.65 16.69 -14.50
CA ILE B 176 -10.46 17.79 -13.99
C ILE B 176 -10.47 17.81 -12.46
N LYS B 177 -10.70 16.66 -11.83
CA LYS B 177 -10.80 16.66 -10.38
C LYS B 177 -9.44 16.81 -9.73
N THR B 178 -8.42 16.21 -10.34
CA THR B 178 -7.07 16.37 -9.83
C THR B 178 -6.68 17.85 -9.70
N PHE B 179 -6.76 18.60 -10.79
CA PHE B 179 -6.45 20.02 -10.68
C PHE B 179 -7.37 20.74 -9.71
N ARG B 180 -8.65 20.41 -9.74
CA ARG B 180 -9.60 20.93 -8.76
C ARG B 180 -9.06 20.67 -7.35
N ALA B 181 -8.55 19.47 -7.11
CA ALA B 181 -8.01 19.09 -5.80
C ALA B 181 -6.81 19.94 -5.42
N TRP B 182 -6.14 20.47 -6.44
CA TRP B 182 -4.93 21.24 -6.24
C TRP B 182 -5.26 22.72 -6.08
N GLY B 183 -6.54 23.06 -6.25
CA GLY B 183 -6.98 24.41 -5.95
C GLY B 183 -7.22 25.33 -7.13
N ILE B 184 -7.32 24.76 -8.33
CA ILE B 184 -7.81 25.53 -9.49
C ILE B 184 -8.75 24.70 -10.35
N GLU B 185 -9.74 25.35 -10.94
CA GLU B 185 -10.63 24.65 -11.86
C GLU B 185 -9.98 24.75 -13.23
N PRO B 186 -9.54 23.62 -13.77
CA PRO B 186 -8.87 23.57 -15.08
C PRO B 186 -9.85 23.85 -16.18
N LEU B 187 -9.35 24.16 -17.38
CA LEU B 187 -10.20 24.34 -18.54
C LEU B 187 -10.16 23.08 -19.38
N PRO B 188 -11.24 22.31 -19.33
CA PRO B 188 -11.36 21.10 -20.15
C PRO B 188 -11.56 21.49 -21.61
N ASP B 190 -10.70 20.14 -25.88
CA ASP B 190 -10.16 19.05 -26.69
C ASP B 190 -8.80 19.44 -27.30
N TRP B 191 -7.95 18.43 -27.50
CA TRP B 191 -6.57 18.63 -27.96
C TRP B 191 -6.42 19.66 -29.10
N ALA B 192 -7.17 19.50 -30.18
CA ALA B 192 -7.05 20.44 -31.31
C ALA B 192 -7.15 21.92 -30.92
N GLU B 193 -7.73 22.21 -29.76
CA GLU B 193 -7.90 23.60 -29.35
C GLU B 193 -6.66 24.18 -28.63
N VAL B 194 -5.79 23.28 -28.17
CA VAL B 194 -4.72 23.67 -27.25
C VAL B 194 -3.70 24.69 -27.79
N PHE B 195 -3.17 24.45 -28.98
CA PHE B 195 -2.21 25.39 -29.52
C PHE B 195 -2.83 26.76 -29.77
N PRO B 196 -3.91 26.79 -30.57
CA PRO B 196 -4.65 28.04 -30.79
C PRO B 196 -4.92 28.76 -29.48
N ALA B 197 -5.33 28.01 -28.47
CA ALA B 197 -5.61 28.64 -27.17
C ALA B 197 -4.33 29.19 -26.55
N LEU B 198 -3.28 28.39 -26.48
CA LEU B 198 -2.00 28.89 -25.97
C LEU B 198 -1.52 30.08 -26.81
N GLN B 199 -1.51 29.88 -28.12
CA GLN B 199 -1.20 30.94 -29.08
C GLN B 199 -1.99 32.25 -28.84
N GLN B 200 -3.27 32.14 -28.50
CA GLN B 200 -4.08 33.35 -28.27
C GLN B 200 -4.01 33.86 -26.84
N ARG B 201 -3.20 33.21 -26.01
CA ARG B 201 -3.10 33.54 -24.60
C ARG B 201 -4.43 33.50 -23.84
N VAL B 202 -5.39 32.69 -24.29
CA VAL B 202 -6.63 32.52 -23.53
C VAL B 202 -6.56 31.42 -22.48
N ILE B 203 -5.47 30.64 -22.48
CA ILE B 203 -5.13 29.79 -21.34
C ILE B 203 -3.66 30.04 -20.99
N ASP B 204 -3.27 29.70 -19.77
CA ASP B 204 -1.92 30.00 -19.32
C ASP B 204 -0.99 28.82 -19.49
N GLY B 205 -1.58 27.67 -19.79
CA GLY B 205 -0.88 26.42 -19.59
C GLY B 205 -1.71 25.18 -19.88
N GLN B 206 -1.05 24.04 -19.76
CA GLN B 206 -1.43 22.84 -20.45
C GLN B 206 -0.60 21.76 -19.77
N GLU B 207 -0.87 20.50 -20.06
CA GLU B 207 -0.13 19.45 -19.40
C GLU B 207 0.04 18.21 -20.28
N ASN B 208 1.27 17.74 -20.41
CA ASN B 208 1.59 16.67 -21.35
C ASN B 208 3.04 16.27 -21.20
N PRO B 209 3.43 15.17 -21.84
CA PRO B 209 4.82 14.75 -21.67
C PRO B 209 5.78 15.66 -22.42
N TYR B 210 6.95 15.83 -21.82
CA TYR B 210 8.05 16.61 -22.39
C TYR B 210 8.14 16.52 -23.89
N THR B 211 7.89 15.34 -24.44
CA THR B 211 8.01 15.15 -25.88
C THR B 211 6.94 15.90 -26.71
N THR B 212 5.74 16.08 -26.17
CA THR B 212 4.70 16.75 -26.92
C THR B 212 4.99 18.24 -26.97
N ALA B 213 5.57 18.77 -25.91
CA ALA B 213 5.97 20.17 -25.91
C ALA B 213 6.87 20.49 -27.12
N ILE B 214 7.76 19.55 -27.46
CA ILE B 214 8.58 19.71 -28.66
C ILE B 214 7.76 19.57 -29.95
N SER B 215 7.06 18.45 -30.11
CA SER B 215 6.31 18.20 -31.34
C SER B 215 5.22 19.25 -31.58
N SER B 216 4.58 19.68 -30.50
CA SER B 216 3.54 20.71 -30.58
C SER B 216 4.11 22.13 -30.54
N ARG B 217 5.43 22.24 -30.46
CA ARG B 217 6.09 23.56 -30.48
C ARG B 217 5.58 24.46 -29.38
N PHE B 218 5.32 23.87 -28.21
CA PHE B 218 4.80 24.64 -27.08
C PHE B 218 5.82 25.64 -26.56
N PHE B 219 7.08 25.47 -26.98
CA PHE B 219 8.14 26.33 -26.51
C PHE B 219 7.96 27.73 -27.08
N GLU B 220 7.18 27.80 -28.15
CA GLU B 220 6.83 29.10 -28.72
C GLU B 220 5.92 29.89 -27.79
N VAL B 221 4.99 29.22 -27.11
CA VAL B 221 3.93 29.90 -26.34
C VAL B 221 3.95 29.60 -24.83
N GLN B 222 5.10 29.18 -24.32
CA GLN B 222 5.25 28.81 -22.91
C GLN B 222 6.70 29.08 -22.50
N SER B 223 6.95 29.21 -21.20
CA SER B 223 8.27 29.55 -20.70
C SER B 223 8.77 28.54 -19.68
N ASP B 224 7.85 27.86 -19.01
CA ASP B 224 8.21 27.00 -17.89
C ASP B 224 7.61 25.59 -17.94
N ILE B 225 8.26 24.67 -17.24
CA ILE B 225 7.76 23.32 -17.13
C ILE B 225 8.04 22.86 -15.71
N THR B 226 7.06 22.19 -15.12
CA THR B 226 7.25 21.63 -13.80
C THR B 226 6.94 20.16 -13.84
N GLU B 227 7.85 19.33 -13.35
CA GLU B 227 7.68 17.89 -13.45
C GLU B 227 6.76 17.35 -12.37
N ILE B 228 5.48 17.34 -12.66
CA ILE B 228 4.51 16.71 -11.78
C ILE B 228 4.39 15.25 -12.19
N HIS B 229 4.05 14.37 -11.24
CA HIS B 229 4.06 12.95 -11.51
C HIS B 229 2.68 12.32 -11.36
N TYR B 230 1.68 13.17 -11.40
CA TYR B 230 0.29 12.79 -11.15
C TYR B 230 -0.22 11.76 -12.17
N TRP B 233 1.33 9.52 -19.60
CA TRP B 233 0.64 9.30 -20.85
C TRP B 233 0.75 7.82 -21.11
N THR B 234 -0.37 7.12 -20.96
CA THR B 234 -0.41 5.68 -21.26
C THR B 234 -1.27 5.42 -22.50
N GLY B 235 -1.03 4.29 -23.14
CA GLY B 235 -1.79 3.88 -24.31
C GLY B 235 -1.45 2.47 -24.74
N PRO B 236 -2.48 1.65 -24.99
CA PRO B 236 -2.22 0.23 -25.22
C PRO B 236 -1.99 -0.09 -26.68
N LEU B 237 -1.20 -1.14 -26.91
CA LEU B 237 -1.17 -1.79 -28.21
C LEU B 237 -2.28 -2.82 -28.27
N LEU B 238 -3.40 -2.44 -28.88
CA LEU B 238 -4.60 -3.28 -28.94
C LEU B 238 -4.57 -4.24 -30.12
N ARG B 257 3.22 -11.82 -28.66
CA ARG B 257 4.68 -11.73 -28.53
C ARG B 257 5.25 -10.52 -29.27
N ALA B 258 4.58 -10.12 -30.35
CA ALA B 258 4.96 -8.90 -31.06
C ALA B 258 4.85 -7.71 -30.13
N GLY B 259 3.73 -7.61 -29.43
CA GLY B 259 3.49 -6.52 -28.51
C GLY B 259 4.53 -6.50 -27.40
N ARG B 260 4.64 -7.60 -26.66
CA ARG B 260 5.47 -7.62 -25.45
C ARG B 260 6.84 -7.06 -25.74
N GLU B 261 7.59 -7.78 -26.57
CA GLU B 261 8.93 -7.39 -26.95
C GLU B 261 8.95 -6.01 -27.63
N ALA B 262 7.86 -5.65 -28.30
CA ALA B 262 7.79 -4.36 -28.98
C ALA B 262 7.62 -3.21 -27.99
N VAL B 263 6.45 -3.15 -27.38
CA VAL B 263 6.19 -2.18 -26.33
C VAL B 263 7.38 -2.05 -25.38
N ASP B 264 7.97 -3.19 -25.01
CA ASP B 264 9.13 -3.20 -24.12
C ASP B 264 10.22 -2.25 -24.61
N TYR B 265 10.32 -2.14 -25.92
CA TYR B 265 11.36 -1.36 -26.57
C TYR B 265 10.82 0.03 -26.91
N GLY B 266 9.53 0.09 -27.27
CA GLY B 266 8.88 1.38 -27.45
C GLY B 266 8.99 2.22 -26.18
N ARG B 267 9.00 1.53 -25.04
CA ARG B 267 9.19 2.18 -23.75
C ARG B 267 10.56 2.83 -23.72
N GLN B 268 11.50 2.16 -24.37
CA GLN B 268 12.90 2.57 -24.40
C GLN B 268 13.14 3.78 -25.30
N VAL B 269 12.54 3.78 -26.48
CA VAL B 269 12.60 4.96 -27.33
C VAL B 269 12.03 6.18 -26.58
N SER B 270 10.79 6.04 -26.07
CA SER B 270 10.16 7.13 -25.34
C SER B 270 11.10 7.74 -24.30
N ALA B 271 11.69 6.89 -23.47
CA ALA B 271 12.62 7.35 -22.45
C ALA B 271 13.76 8.14 -23.09
N GLU B 272 14.33 7.61 -24.18
CA GLU B 272 15.40 8.31 -24.87
C GLU B 272 14.90 9.61 -25.49
N LEU B 273 13.75 9.54 -26.14
CA LEU B 273 13.20 10.71 -26.79
C LEU B 273 12.96 11.79 -25.74
N THR B 274 12.51 11.36 -24.56
CA THR B 274 12.23 12.28 -23.45
C THR B 274 13.50 13.02 -22.98
N GLU B 275 14.61 12.31 -22.77
CA GLU B 275 15.84 12.99 -22.36
C GLU B 275 16.28 14.02 -23.39
N GLN B 276 16.06 13.70 -24.67
CA GLN B 276 16.37 14.60 -25.78
C GLN B 276 15.44 15.81 -25.80
N SER B 277 14.14 15.53 -25.80
CA SER B 277 13.13 16.58 -25.81
C SER B 277 13.46 17.64 -24.77
N LYS B 278 13.90 17.19 -23.60
CA LYS B 278 14.21 18.08 -22.50
C LYS B 278 15.39 19.03 -22.77
N ALA B 279 16.49 18.51 -23.32
CA ALA B 279 17.61 19.35 -23.70
C ALA B 279 17.19 20.31 -24.82
N GLU B 280 16.36 19.81 -25.71
CA GLU B 280 15.80 20.62 -26.78
C GLU B 280 14.91 21.77 -26.28
N LEU B 281 14.10 21.52 -25.25
CA LEU B 281 13.26 22.60 -24.69
C LEU B 281 14.13 23.63 -23.99
N VAL B 282 15.14 23.16 -23.26
CA VAL B 282 16.10 24.05 -22.61
C VAL B 282 16.82 24.94 -23.63
N LYS B 283 17.15 24.38 -24.80
CA LYS B 283 17.76 25.21 -25.83
C LYS B 283 16.77 26.18 -26.45
N ASN B 284 15.49 25.91 -26.27
CA ASN B 284 14.46 26.82 -26.77
C ASN B 284 13.95 27.77 -25.68
N ASP B 285 14.79 28.02 -24.69
CA ASP B 285 14.55 29.08 -23.73
C ASP B 285 13.51 28.72 -22.68
N THR B 287 12.55 26.82 -19.13
CA THR B 287 13.15 26.52 -17.86
C THR B 287 12.45 25.32 -17.25
N LEU B 288 13.24 24.30 -16.95
CA LEU B 288 12.71 23.09 -16.38
C LEU B 288 13.03 23.07 -14.92
N HIS B 289 12.01 23.16 -14.09
CA HIS B 289 12.17 23.31 -12.64
C HIS B 289 12.24 21.96 -11.96
N GLY B 290 11.92 20.90 -12.69
CA GLY B 290 11.78 19.58 -12.06
C GLY B 290 10.48 19.45 -11.28
N ALA B 291 10.51 18.62 -10.25
CA ALA B 291 9.36 18.40 -9.41
C ALA B 291 9.04 19.63 -8.59
N PRO B 292 7.76 19.83 -8.27
CA PRO B 292 7.52 21.00 -7.40
C PRO B 292 8.21 20.83 -6.04
N LYS B 293 8.58 21.94 -5.42
CA LYS B 293 9.25 21.91 -4.14
C LYS B 293 8.41 21.17 -3.11
N ASP B 294 7.10 21.31 -3.21
CA ASP B 294 6.17 20.73 -2.24
C ASP B 294 5.38 19.55 -2.79
N GLU B 295 6.03 18.69 -3.59
CA GLU B 295 5.30 17.64 -4.31
C GLU B 295 4.41 16.75 -3.44
N GLU B 296 4.87 16.39 -2.24
CA GLU B 296 4.11 15.47 -1.39
C GLU B 296 2.68 15.99 -1.15
N LYS B 297 2.48 17.30 -1.29
CA LYS B 297 1.14 17.86 -1.19
C LYS B 297 0.29 17.57 -2.43
N TRP B 298 0.91 17.70 -3.59
CA TRP B 298 0.22 17.43 -4.85
C TRP B 298 -0.29 15.99 -4.83
N GLU B 299 0.60 15.09 -4.39
CA GLU B 299 0.37 13.66 -4.32
C GLU B 299 -0.76 13.31 -3.36
N ALA B 300 -0.68 13.85 -2.15
CA ALA B 300 -1.65 13.55 -1.11
C ALA B 300 -3.07 13.96 -1.57
N ALA B 301 -3.21 15.21 -2.04
CA ALA B 301 -4.49 15.68 -2.53
C ALA B 301 -5.00 14.84 -3.70
N ALA B 302 -4.10 14.46 -4.61
CA ALA B 302 -4.52 13.71 -5.78
C ALA B 302 -4.88 12.27 -5.43
N ALA B 303 -4.00 11.60 -4.69
CA ALA B 303 -4.24 10.20 -4.33
C ALA B 303 -5.53 10.03 -3.54
N ALA B 304 -5.82 10.99 -2.66
CA ALA B 304 -7.02 10.89 -1.82
C ALA B 304 -8.28 10.72 -2.65
N LEU B 305 -8.21 11.11 -3.93
CA LEU B 305 -9.37 11.13 -4.83
C LEU B 305 -9.80 9.78 -5.37
N TRP B 306 -8.94 8.76 -5.24
CA TRP B 306 -9.17 7.50 -5.96
C TRP B 306 -10.62 6.99 -5.97
N PRO B 307 -11.21 6.81 -4.78
CA PRO B 307 -12.58 6.26 -4.70
C PRO B 307 -13.58 7.05 -5.57
N GLU B 308 -13.34 8.34 -5.80
CA GLU B 308 -14.23 9.17 -6.61
C GLU B 308 -14.22 8.82 -8.11
N PHE B 309 -13.27 7.97 -8.52
CA PHE B 309 -13.10 7.56 -9.93
C PHE B 309 -13.55 6.13 -10.17
N TYR B 310 -13.76 5.38 -9.09
CA TYR B 310 -14.09 3.96 -9.17
C TYR B 310 -15.20 3.58 -10.17
N ASP B 311 -16.39 4.16 -10.01
CA ASP B 311 -17.53 3.88 -10.89
C ASP B 311 -17.21 4.05 -12.37
N GLN B 312 -16.47 5.10 -12.69
CA GLN B 312 -16.23 5.46 -14.08
C GLN B 312 -14.98 4.80 -14.68
N ILE B 313 -14.32 3.95 -13.91
CA ILE B 313 -13.20 3.15 -14.43
C ILE B 313 -13.39 1.63 -14.23
N GLY B 314 -14.65 1.17 -14.24
CA GLY B 314 -14.92 -0.26 -14.22
C GLY B 314 -15.46 -0.80 -12.92
N GLY B 315 -15.68 0.09 -11.96
CA GLY B 315 -16.32 -0.30 -10.71
C GLY B 315 -15.39 -0.50 -9.53
N GLU B 316 -15.93 -0.33 -8.33
CA GLU B 316 -15.11 -0.40 -7.13
C GLU B 316 -14.31 -1.71 -7.07
N GLU B 317 -14.95 -2.81 -7.40
CA GLU B 317 -14.29 -4.12 -7.34
C GLU B 317 -13.05 -4.22 -8.23
N TRP B 318 -13.18 -3.88 -9.51
CA TRP B 318 -12.03 -3.93 -10.42
C TRP B 318 -10.94 -2.93 -10.01
N ALA B 319 -11.36 -1.71 -9.72
CA ALA B 319 -10.43 -0.65 -9.38
C ALA B 319 -9.55 -1.04 -8.20
N THR B 320 -10.16 -1.45 -7.09
CA THR B 320 -9.40 -1.80 -5.88
C THR B 320 -8.55 -3.04 -6.09
N GLN B 321 -8.98 -3.91 -7.01
CA GLN B 321 -8.17 -5.06 -7.41
C GLN B 321 -6.91 -4.57 -8.09
N ALA B 322 -7.09 -3.73 -9.11
CA ALA B 322 -5.97 -3.17 -9.83
C ALA B 322 -5.01 -2.48 -8.88
N ILE B 323 -5.56 -1.77 -7.90
CA ILE B 323 -4.74 -1.02 -6.96
C ILE B 323 -3.93 -2.00 -6.13
N GLU B 324 -4.58 -3.06 -5.66
CA GLU B 324 -3.89 -4.12 -4.93
C GLU B 324 -2.76 -4.70 -5.79
N ILE B 325 -3.06 -5.10 -7.02
CA ILE B 325 -2.02 -5.52 -7.93
C ILE B 325 -0.87 -4.51 -8.05
N ILE B 326 -1.18 -3.28 -8.43
CA ILE B 326 -0.17 -2.21 -8.47
C ILE B 326 0.76 -2.31 -7.25
N LYS B 327 0.17 -2.23 -6.07
CA LYS B 327 0.98 -2.13 -4.85
C LYS B 327 1.78 -3.38 -4.57
N ALA B 328 1.22 -4.53 -4.95
CA ALA B 328 1.86 -5.83 -4.70
C ALA B 328 3.02 -6.05 -5.65
N THR B 329 3.44 -4.98 -6.33
CA THR B 329 4.64 -5.03 -7.15
C THR B 329 5.69 -4.08 -6.57
N GLU B 330 5.27 -3.18 -5.69
CA GLU B 330 6.19 -2.26 -5.04
C GLU B 330 6.70 -2.84 -3.73
#